data_6Y1Y
#
_entry.id   6Y1Y
#
_cell.length_a   101.636
_cell.length_b   28.770
_cell.length_c   82.982
_cell.angle_alpha   90.00
_cell.angle_beta   114.75
_cell.angle_gamma   90.00
#
_symmetry.space_group_name_H-M   'C 1 2 1'
#
loop_
_entity.id
_entity.type
_entity.pdbx_description
1 polymer CheA
2 water water
#
_entity_poly.entity_id   1
_entity_poly.type   'polypeptide(L)'
_entity_poly.pdbx_seq_one_letter_code
;SILRVDANRIDYLLNLVSETVITKASLNQSTIEFAELYDKFQNSSTIYKDKTRRLLDKMPEYLEKIQQGYDINSIKQDVL
NEYSSLLEVFGDFDSLMKAAVTKFKSSSQNLGRISGELQEGVMKIRMVP
;
_entity_poly.pdbx_strand_id   A,B
#
# COMPACT_ATOMS: atom_id res chain seq x y z
N VAL A 5 -12.66 14.45 41.90
CA VAL A 5 -11.77 14.76 40.78
C VAL A 5 -12.05 16.15 40.19
N ASP A 6 -11.03 16.72 39.56
CA ASP A 6 -11.18 18.02 38.91
C ASP A 6 -12.10 17.90 37.70
N ALA A 7 -13.09 18.80 37.60
CA ALA A 7 -13.98 18.76 36.45
C ALA A 7 -13.22 18.95 35.14
N ASN A 8 -12.24 19.87 35.13
CA ASN A 8 -11.47 20.12 33.92
C ASN A 8 -10.65 18.91 33.50
N ARG A 9 -10.26 18.05 34.46
CA ARG A 9 -9.51 16.85 34.09
C ARG A 9 -10.39 15.87 33.32
N ILE A 10 -11.66 15.78 33.69
CA ILE A 10 -12.59 14.89 33.00
C ILE A 10 -12.94 15.47 31.63
N ASP A 11 -13.09 16.80 31.53
CA ASP A 11 -13.37 17.40 30.24
C ASP A 11 -12.21 17.19 29.27
N TYR A 12 -10.98 17.19 29.77
CA TYR A 12 -9.85 16.87 28.90
C TYR A 12 -9.98 15.47 28.35
N LEU A 13 -10.36 14.50 29.19
CA LEU A 13 -10.54 13.13 28.72
C LEU A 13 -11.62 13.04 27.64
N LEU A 14 -12.71 13.79 27.81
CA LEU A 14 -13.75 13.81 26.78
C LEU A 14 -13.21 14.39 25.48
N ASN A 15 -12.38 15.42 25.57
CA ASN A 15 -11.80 16.01 24.36
C ASN A 15 -10.85 15.03 23.68
N LEU A 16 -10.09 14.27 24.47
CA LEU A 16 -9.21 13.27 23.88
C LEU A 16 -10.00 12.18 23.17
N VAL A 17 -11.15 11.79 23.73
CA VAL A 17 -11.93 10.77 23.05
C VAL A 17 -12.52 11.32 21.76
N SER A 18 -12.89 12.61 21.76
CA SER A 18 -13.31 13.25 20.51
C SER A 18 -12.21 13.22 19.47
N GLU A 19 -10.97 13.52 19.87
CA GLU A 19 -9.85 13.42 18.95
C GLU A 19 -9.70 12.00 18.42
N THR A 20 -9.95 11.00 19.28
CA THR A 20 -9.84 9.61 18.86
C THR A 20 -10.85 9.26 17.78
N VAL A 21 -12.09 9.71 17.92
CA VAL A 21 -13.10 9.38 16.91
C VAL A 21 -12.76 10.03 15.57
N ILE A 22 -12.23 11.26 15.60
CA ILE A 22 -11.80 11.91 14.36
C ILE A 22 -10.63 11.17 13.74
N THR A 23 -9.65 10.80 14.56
CA THR A 23 -8.51 10.04 14.07
C THR A 23 -8.98 8.70 13.50
N LYS A 24 -9.94 8.06 14.18
CA LYS A 24 -10.55 6.83 13.67
C LYS A 24 -11.16 7.04 12.29
N ALA A 25 -11.87 8.14 12.08
CA ALA A 25 -12.47 8.42 10.78
C ALA A 25 -11.40 8.59 9.70
N SER A 26 -10.28 9.24 10.03
CA SER A 26 -9.24 9.45 9.04
C SER A 26 -8.53 8.13 8.72
N LEU A 27 -8.30 7.30 9.73
CA LEU A 27 -7.68 6.00 9.50
C LEU A 27 -8.59 5.12 8.65
N ASN A 28 -9.91 5.17 8.87
CA ASN A 28 -10.81 4.43 7.99
C ASN A 28 -10.65 4.88 6.53
N GLN A 29 -10.56 6.19 6.30
CA GLN A 29 -10.35 6.68 4.95
C GLN A 29 -9.03 6.16 4.38
N SER A 30 -8.02 6.02 5.24
CA SER A 30 -6.76 5.50 4.77
C SER A 30 -6.87 4.04 4.36
N THR A 31 -7.71 3.24 5.03
CA THR A 31 -7.86 1.85 4.60
C THR A 31 -8.40 1.77 3.20
N ILE A 32 -9.33 2.67 2.86
CA ILE A 32 -9.90 2.70 1.52
C ILE A 32 -8.85 3.10 0.49
N GLU A 33 -8.00 4.08 0.83
CA GLU A 33 -6.92 4.47 -0.06
C GLU A 33 -5.98 3.31 -0.34
N PHE A 34 -5.61 2.55 0.69
CA PHE A 34 -4.70 1.45 0.44
C PHE A 34 -5.36 0.31 -0.30
N ALA A 35 -6.66 0.07 -0.07
CA ALA A 35 -7.36 -0.92 -0.87
C ALA A 35 -7.39 -0.52 -2.35
N GLU A 36 -7.62 0.77 -2.62
CA GLU A 36 -7.57 1.27 -3.99
C GLU A 36 -6.19 1.09 -4.60
N LEU A 37 -5.15 1.31 -3.79
CA LEU A 37 -3.78 1.12 -4.28
C LEU A 37 -3.49 -0.35 -4.55
N TYR A 38 -3.97 -1.25 -3.70
CA TYR A 38 -3.83 -2.67 -4.02
C TYR A 38 -4.51 -2.98 -5.36
N ASP A 39 -5.74 -2.49 -5.57
CA ASP A 39 -6.43 -2.75 -6.83
C ASP A 39 -5.64 -2.24 -8.02
N LYS A 40 -5.06 -1.04 -7.89
CA LYS A 40 -4.30 -0.45 -8.98
C LYS A 40 -3.05 -1.26 -9.30
N PHE A 41 -2.33 -1.72 -8.26
CA PHE A 41 -1.17 -2.55 -8.53
C PHE A 41 -1.58 -3.88 -9.18
N GLN A 42 -2.60 -4.52 -8.63
CA GLN A 42 -3.02 -5.81 -9.16
C GLN A 42 -3.44 -5.69 -10.61
N ASN A 43 -4.20 -4.65 -10.94
CA ASN A 43 -4.65 -4.47 -12.32
C ASN A 43 -3.47 -4.18 -13.25
N SER A 44 -2.56 -3.29 -12.84
CA SER A 44 -1.42 -2.99 -13.71
C SER A 44 -0.54 -4.21 -13.89
N SER A 45 -0.41 -5.05 -12.85
CA SER A 45 0.40 -6.25 -12.95
C SER A 45 -0.19 -7.25 -13.94
N THR A 46 -1.49 -7.52 -13.81
CA THR A 46 -2.17 -8.42 -14.76
C THR A 46 -2.09 -7.86 -16.16
N ILE A 47 -2.28 -6.55 -16.31
CA ILE A 47 -2.24 -5.95 -17.64
C ILE A 47 -0.86 -6.08 -18.29
N TYR A 48 0.23 -5.80 -17.53
CA TYR A 48 1.54 -5.88 -18.17
C TYR A 48 1.88 -7.33 -18.49
N LYS A 49 1.49 -8.26 -17.62
CA LYS A 49 1.80 -9.65 -17.91
C LYS A 49 1.04 -10.15 -19.14
N ASP A 50 -0.20 -9.71 -19.30
CA ASP A 50 -0.95 -10.06 -20.49
C ASP A 50 -0.36 -9.40 -21.74
N LYS A 51 -0.04 -8.09 -21.65
CA LYS A 51 0.46 -7.38 -22.82
C LYS A 51 1.83 -7.87 -23.27
N THR A 52 2.71 -8.22 -22.33
CA THR A 52 4.02 -8.74 -22.70
C THR A 52 3.90 -10.11 -23.38
N ARG A 53 2.96 -10.96 -22.93
CA ARG A 53 2.70 -12.17 -23.69
C ARG A 53 2.29 -11.85 -25.11
N ARG A 54 1.43 -10.85 -25.29
CA ARG A 54 0.98 -10.48 -26.63
C ARG A 54 2.16 -10.00 -27.48
N LEU A 55 3.09 -9.26 -26.87
CA LEU A 55 4.29 -8.81 -27.57
C LEU A 55 5.11 -10.00 -28.07
N LEU A 56 5.37 -10.99 -27.20
CA LEU A 56 6.14 -12.15 -27.65
C LEU A 56 5.43 -12.92 -28.74
N ASP A 57 4.10 -13.06 -28.63
CA ASP A 57 3.32 -13.76 -29.65
C ASP A 57 3.30 -12.99 -30.96
N LYS A 58 3.47 -11.67 -30.92
CA LYS A 58 3.54 -10.85 -32.13
C LYS A 58 4.87 -11.04 -32.87
N MET A 59 5.94 -11.44 -32.17
CA MET A 59 7.26 -11.45 -32.79
C MET A 59 7.31 -12.27 -34.08
N PRO A 60 6.69 -13.44 -34.20
CA PRO A 60 6.74 -14.16 -35.49
C PRO A 60 6.07 -13.40 -36.63
N GLU A 61 5.03 -12.60 -36.36
CA GLU A 61 4.46 -11.78 -37.43
C GLU A 61 5.44 -10.72 -37.88
N TYR A 62 6.12 -10.08 -36.92
CA TYR A 62 7.16 -9.13 -37.30
C TYR A 62 8.24 -9.82 -38.11
N LEU A 63 8.60 -11.05 -37.75
CA LEU A 63 9.60 -11.79 -38.51
C LEU A 63 9.12 -12.10 -39.91
N GLU A 64 7.85 -12.50 -40.06
CA GLU A 64 7.32 -12.75 -41.40
C GLU A 64 7.46 -11.51 -42.28
N LYS A 65 7.15 -10.33 -41.74
CA LYS A 65 7.25 -9.12 -42.55
C LYS A 65 8.71 -8.85 -42.92
N ILE A 66 9.62 -8.99 -41.96
CA ILE A 66 11.05 -8.78 -42.23
C ILE A 66 11.54 -9.76 -43.29
N GLN A 67 11.07 -11.01 -43.23
CA GLN A 67 11.46 -12.00 -44.22
C GLN A 67 11.00 -11.62 -45.61
N GLN A 68 9.90 -10.89 -45.70
CA GLN A 68 9.40 -10.38 -46.97
C GLN A 68 10.05 -9.07 -47.38
N GLY A 69 11.01 -8.57 -46.61
CA GLY A 69 11.75 -7.37 -46.94
C GLY A 69 11.22 -6.10 -46.31
N TYR A 70 10.29 -6.21 -45.37
CA TYR A 70 9.75 -5.01 -44.73
C TYR A 70 10.85 -4.27 -43.99
N ASP A 71 10.78 -2.94 -43.99
CA ASP A 71 11.76 -2.10 -43.34
C ASP A 71 11.82 -2.34 -41.84
N ILE A 72 13.01 -2.68 -41.33
CA ILE A 72 13.15 -2.95 -39.90
C ILE A 72 12.79 -1.71 -39.08
N ASN A 73 13.05 -0.51 -39.62
CA ASN A 73 12.64 0.71 -38.95
C ASN A 73 11.13 0.81 -38.82
N SER A 74 10.37 0.29 -39.80
CA SER A 74 8.92 0.28 -39.65
C SER A 74 8.48 -0.70 -38.57
N ILE A 75 9.20 -1.81 -38.43
CA ILE A 75 8.92 -2.74 -37.34
C ILE A 75 9.20 -2.08 -36.00
N LYS A 76 10.36 -1.44 -35.88
CA LYS A 76 10.67 -0.70 -34.66
C LYS A 76 9.59 0.32 -34.36
N GLN A 77 9.12 1.03 -35.39
CA GLN A 77 8.04 1.99 -35.21
C GLN A 77 6.79 1.32 -34.66
N ASP A 78 6.45 0.14 -35.19
CA ASP A 78 5.27 -0.60 -34.75
C ASP A 78 5.42 -1.08 -33.30
N VAL A 79 6.60 -1.62 -32.96
CA VAL A 79 6.84 -2.14 -31.61
C VAL A 79 6.76 -1.03 -30.58
N LEU A 80 7.50 0.05 -30.81
CA LEU A 80 7.54 1.12 -29.83
C LEU A 80 6.19 1.82 -29.72
N ASN A 81 5.48 1.96 -30.84
CA ASN A 81 4.18 2.63 -30.80
C ASN A 81 3.19 1.84 -29.95
N GLU A 82 3.15 0.51 -30.13
CA GLU A 82 2.21 -0.31 -29.36
C GLU A 82 2.66 -0.57 -27.92
N TYR A 83 3.95 -0.82 -27.69
CA TYR A 83 4.39 -1.40 -26.43
C TYR A 83 5.20 -0.49 -25.52
N SER A 84 5.67 0.69 -25.98
CA SER A 84 6.46 1.53 -25.09
C SER A 84 5.68 1.95 -23.85
N SER A 85 4.35 2.06 -23.97
CA SER A 85 3.50 2.43 -22.83
C SER A 85 3.62 1.42 -21.69
N LEU A 86 4.17 0.22 -21.95
CA LEU A 86 4.42 -0.71 -20.87
C LEU A 86 5.25 -0.06 -19.76
N LEU A 87 6.15 0.85 -20.14
CA LEU A 87 6.98 1.50 -19.12
C LEU A 87 6.17 2.24 -18.07
N GLU A 88 5.00 2.75 -18.44
CA GLU A 88 4.17 3.55 -17.56
C GLU A 88 2.93 2.80 -17.07
N VAL A 89 2.91 1.46 -17.17
CA VAL A 89 1.71 0.69 -16.89
C VAL A 89 1.23 0.85 -15.46
N PHE A 90 2.11 1.19 -14.52
CA PHE A 90 1.68 1.38 -13.14
C PHE A 90 1.21 2.80 -12.86
N GLY A 91 1.26 3.68 -13.87
CA GLY A 91 0.71 5.02 -13.71
C GLY A 91 1.27 5.72 -12.50
N ASP A 92 0.39 6.31 -11.71
CA ASP A 92 0.78 7.08 -10.53
C ASP A 92 0.84 6.24 -9.26
N PHE A 93 0.98 4.92 -9.38
CA PHE A 93 0.98 4.10 -8.17
C PHE A 93 1.97 4.61 -7.13
N ASP A 94 3.20 4.89 -7.55
CA ASP A 94 4.22 5.25 -6.56
C ASP A 94 3.91 6.58 -5.86
N SER A 95 3.49 7.61 -6.60
CA SER A 95 3.21 8.90 -5.96
C SER A 95 1.96 8.82 -5.09
N LEU A 96 0.93 8.13 -5.56
CA LEU A 96 -0.26 7.91 -4.75
C LEU A 96 0.08 7.13 -3.49
N MET A 97 0.91 6.09 -3.62
CA MET A 97 1.31 5.32 -2.46
C MET A 97 2.08 6.17 -1.46
N LYS A 98 3.04 6.97 -1.94
CA LYS A 98 3.82 7.80 -1.01
C LYS A 98 2.92 8.76 -0.26
N ALA A 99 1.97 9.39 -0.95
CA ALA A 99 1.06 10.29 -0.27
C ALA A 99 0.21 9.55 0.76
N ALA A 100 -0.26 8.35 0.40
CA ALA A 100 -1.11 7.61 1.33
C ALA A 100 -0.34 7.18 2.56
N VAL A 101 0.93 6.80 2.39
CA VAL A 101 1.78 6.45 3.53
C VAL A 101 1.97 7.65 4.44
N THR A 102 2.26 8.81 3.84
CA THR A 102 2.47 10.01 4.64
C THR A 102 1.24 10.35 5.46
N LYS A 103 0.06 10.30 4.85
CA LYS A 103 -1.18 10.59 5.57
C LYS A 103 -1.45 9.58 6.67
N PHE A 104 -1.29 8.30 6.36
CA PHE A 104 -1.47 7.25 7.37
C PHE A 104 -0.48 7.42 8.53
N LYS A 105 0.79 7.66 8.23
CA LYS A 105 1.78 7.87 9.29
C LYS A 105 1.39 9.00 10.22
N SER A 106 0.92 10.10 9.66
CA SER A 106 0.55 11.25 10.49
C SER A 106 -0.62 10.90 11.41
N SER A 107 -1.63 10.19 10.89
CA SER A 107 -2.77 9.84 11.72
C SER A 107 -2.40 8.80 12.77
N SER A 108 -1.56 7.84 12.40
CA SER A 108 -1.13 6.82 13.36
C SER A 108 -0.30 7.46 14.48
N GLN A 109 0.60 8.38 14.13
CA GLN A 109 1.39 9.06 15.14
C GLN A 109 0.51 9.92 16.04
N ASN A 110 -0.49 10.59 15.46
CA ASN A 110 -1.42 11.34 16.29
C ASN A 110 -2.18 10.42 17.24
N LEU A 111 -2.55 9.24 16.77
CA LEU A 111 -3.22 8.30 17.67
C LEU A 111 -2.30 7.91 18.82
N GLY A 112 -1.01 7.74 18.55
CA GLY A 112 -0.07 7.45 19.61
C GLY A 112 -0.01 8.56 20.64
N ARG A 113 -0.03 9.80 20.16
CA ARG A 113 -0.01 10.96 21.06
C ARG A 113 -1.28 10.99 21.92
N ILE A 114 -2.45 10.77 21.28
CA ILE A 114 -3.70 10.78 22.02
C ILE A 114 -3.73 9.66 23.04
N SER A 115 -3.30 8.46 22.63
CA SER A 115 -3.37 7.31 23.53
C SER A 115 -2.45 7.48 24.73
N GLY A 116 -1.28 8.08 24.53
CA GLY A 116 -0.42 8.41 25.66
C GLY A 116 -1.07 9.39 26.61
N GLU A 117 -1.75 10.39 26.07
CA GLU A 117 -2.45 11.36 26.91
C GLU A 117 -3.61 10.70 27.64
N LEU A 118 -4.36 9.85 26.94
CA LEU A 118 -5.43 9.10 27.58
C LEU A 118 -4.90 8.21 28.68
N GLN A 119 -3.79 7.53 28.43
CA GLN A 119 -3.24 6.62 29.42
C GLN A 119 -2.85 7.36 30.67
N GLU A 120 -2.09 8.44 30.53
CA GLU A 120 -1.64 9.17 31.72
C GLU A 120 -2.82 9.82 32.43
N GLY A 121 -3.79 10.33 31.68
CA GLY A 121 -4.93 11.00 32.30
C GLY A 121 -5.81 10.07 33.11
N VAL A 122 -6.17 8.92 32.54
CA VAL A 122 -7.02 7.98 33.26
C VAL A 122 -6.24 7.33 34.40
N MET A 123 -4.90 7.21 34.25
CA MET A 123 -4.08 6.54 35.25
C MET A 123 -3.96 7.44 36.47
N LYS A 124 -3.99 8.76 36.24
CA LYS A 124 -3.88 9.74 37.31
C LYS A 124 -5.17 9.89 38.10
N ILE A 125 -6.30 9.55 37.50
CA ILE A 125 -7.53 9.45 38.27
C ILE A 125 -7.54 8.14 39.06
N ARG A 126 -6.90 7.09 38.56
CA ARG A 126 -6.86 5.83 39.30
C ARG A 126 -6.04 5.96 40.58
N MET A 127 -5.39 7.09 40.74
CA MET A 127 -4.43 7.37 41.79
C MET A 127 -5.00 8.35 42.79
N VAL A 128 -6.27 8.73 42.64
CA VAL A 128 -6.87 9.62 43.63
C VAL A 128 -7.47 8.67 44.66
N PRO A 129 -7.35 8.96 45.97
CA PRO A 129 -7.98 8.03 46.90
C PRO A 129 -9.50 8.18 47.00
N ILE B 2 -13.98 18.33 41.84
CA ILE B 2 -15.35 18.81 41.95
C ILE B 2 -16.30 17.92 41.16
N LEU B 3 -15.82 16.74 40.78
CA LEU B 3 -16.63 15.70 40.16
C LEU B 3 -16.36 14.39 40.90
N ARG B 4 -17.35 13.52 40.92
CA ARG B 4 -17.22 12.20 41.53
C ARG B 4 -17.28 11.11 40.46
N VAL B 5 -16.31 10.20 40.51
CA VAL B 5 -16.24 9.14 39.51
C VAL B 5 -16.23 7.78 40.21
N ASP B 6 -16.79 6.79 39.51
CA ASP B 6 -16.79 5.42 40.00
C ASP B 6 -15.41 4.79 39.81
N ALA B 7 -14.87 4.20 40.88
CA ALA B 7 -13.54 3.58 40.79
C ALA B 7 -13.55 2.42 39.81
N ASN B 8 -14.58 1.57 39.86
CA ASN B 8 -14.62 0.41 38.97
C ASN B 8 -14.78 0.81 37.51
N ARG B 9 -15.47 1.92 37.23
CA ARG B 9 -15.61 2.36 35.84
C ARG B 9 -14.29 2.93 35.33
N ILE B 10 -13.48 3.50 36.22
CA ILE B 10 -12.18 4.00 35.81
C ILE B 10 -11.25 2.85 35.46
N ASP B 11 -11.32 1.75 36.21
CA ASP B 11 -10.53 0.58 35.84
C ASP B 11 -11.00 -0.02 34.53
N TYR B 12 -12.31 0.05 34.26
CA TYR B 12 -12.83 -0.37 32.96
C TYR B 12 -12.28 0.50 31.84
N LEU B 13 -12.25 1.82 32.04
CA LEU B 13 -11.67 2.71 31.03
C LEU B 13 -10.20 2.41 30.82
N LEU B 14 -9.49 2.00 31.87
CA LEU B 14 -8.08 1.64 31.72
C LEU B 14 -7.91 0.48 30.76
N ASN B 15 -8.81 -0.51 30.83
CA ASN B 15 -8.73 -1.63 29.91
C ASN B 15 -9.05 -1.21 28.49
N LEU B 16 -9.98 -0.26 28.32
CA LEU B 16 -10.24 0.27 26.98
C LEU B 16 -9.04 1.05 26.45
N VAL B 17 -8.37 1.80 27.32
CA VAL B 17 -7.19 2.55 26.87
C VAL B 17 -6.05 1.58 26.55
N SER B 18 -5.95 0.50 27.32
CA SER B 18 -4.97 -0.53 26.99
C SER B 18 -5.22 -1.12 25.61
N GLU B 19 -6.48 -1.42 25.29
CA GLU B 19 -6.82 -1.91 23.95
C GLU B 19 -6.46 -0.88 22.89
N THR B 20 -6.65 0.40 23.20
CA THR B 20 -6.31 1.46 22.26
C THR B 20 -4.81 1.49 21.99
N VAL B 21 -4.01 1.34 23.04
CA VAL B 21 -2.56 1.36 22.90
C VAL B 21 -2.08 0.16 22.07
N ILE B 22 -2.70 -1.00 22.29
CA ILE B 22 -2.34 -2.19 21.52
C ILE B 22 -2.67 -1.98 20.06
N THR B 23 -3.86 -1.46 19.79
CA THR B 23 -4.26 -1.19 18.42
C THR B 23 -3.34 -0.16 17.77
N LYS B 24 -2.98 0.90 18.51
CA LYS B 24 -2.04 1.89 17.99
C LYS B 24 -0.70 1.26 17.61
N ALA B 25 -0.19 0.38 18.47
CA ALA B 25 1.08 -0.28 18.16
C ALA B 25 0.95 -1.10 16.87
N SER B 26 -0.20 -1.73 16.67
CA SER B 26 -0.39 -2.52 15.45
C SER B 26 -0.50 -1.62 14.24
N LEU B 27 -1.18 -0.48 14.38
CA LEU B 27 -1.29 0.47 13.29
C LEU B 27 0.07 1.04 12.94
N ASN B 28 0.91 1.30 13.94
CA ASN B 28 2.27 1.76 13.67
C ASN B 28 3.03 0.74 12.83
N GLN B 29 2.91 -0.55 13.16
CA GLN B 29 3.58 -1.56 12.34
C GLN B 29 3.04 -1.58 10.93
N SER B 30 1.74 -1.29 10.76
CA SER B 30 1.18 -1.23 9.41
C SER B 30 1.74 -0.04 8.63
N THR B 31 2.00 1.09 9.30
CA THR B 31 2.65 2.19 8.57
C THR B 31 4.03 1.77 8.08
N ILE B 32 4.75 1.00 8.90
CA ILE B 32 6.09 0.54 8.51
C ILE B 32 5.98 -0.46 7.39
N GLU B 33 4.97 -1.34 7.45
CA GLU B 33 4.77 -2.32 6.39
C GLU B 33 4.53 -1.63 5.05
N PHE B 34 3.70 -0.59 5.03
CA PHE B 34 3.45 0.09 3.77
C PHE B 34 4.64 0.92 3.32
N ALA B 35 5.40 1.48 4.26
CA ALA B 35 6.63 2.17 3.86
C ALA B 35 7.62 1.20 3.22
N GLU B 36 7.75 -0.02 3.77
CA GLU B 36 8.60 -1.05 3.17
C GLU B 36 8.09 -1.43 1.78
N LEU B 37 6.78 -1.53 1.63
CA LEU B 37 6.20 -1.88 0.33
C LEU B 37 6.42 -0.76 -0.68
N TYR B 38 6.33 0.50 -0.26
CA TYR B 38 6.66 1.59 -1.17
C TYR B 38 8.09 1.47 -1.66
N ASP B 39 9.03 1.25 -0.72
CA ASP B 39 10.44 1.11 -1.11
C ASP B 39 10.64 -0.07 -2.05
N LYS B 40 9.95 -1.18 -1.77
CA LYS B 40 10.08 -2.38 -2.60
C LYS B 40 9.53 -2.11 -4.00
N PHE B 41 8.40 -1.41 -4.07
CA PHE B 41 7.87 -1.04 -5.38
C PHE B 41 8.85 -0.17 -6.15
N GLN B 42 9.44 0.83 -5.49
CA GLN B 42 10.38 1.72 -6.16
C GLN B 42 11.57 0.94 -6.70
N ASN B 43 12.13 0.05 -5.88
CA ASN B 43 13.30 -0.69 -6.34
C ASN B 43 12.93 -1.62 -7.49
N SER B 44 11.83 -2.37 -7.34
CA SER B 44 11.44 -3.30 -8.39
C SER B 44 10.96 -2.59 -9.64
N SER B 45 10.33 -1.41 -9.51
CA SER B 45 9.90 -0.62 -10.68
C SER B 45 11.09 -0.17 -11.49
N THR B 46 12.18 0.23 -10.83
CA THR B 46 13.40 0.57 -11.54
C THR B 46 13.90 -0.61 -12.37
N ILE B 47 13.89 -1.81 -11.79
CA ILE B 47 14.31 -3.00 -12.51
C ILE B 47 13.31 -3.31 -13.62
N TYR B 48 12.01 -3.14 -13.33
CA TYR B 48 10.99 -3.40 -14.35
C TYR B 48 11.22 -2.53 -15.58
N LYS B 49 11.53 -1.25 -15.39
CA LYS B 49 11.74 -0.37 -16.53
C LYS B 49 13.02 -0.73 -17.27
N ASP B 50 14.07 -1.12 -16.54
CA ASP B 50 15.31 -1.55 -17.20
C ASP B 50 15.05 -2.78 -18.08
N LYS B 51 14.33 -3.75 -17.54
CA LYS B 51 14.06 -4.97 -18.29
C LYS B 51 13.14 -4.69 -19.48
N THR B 52 12.13 -3.84 -19.29
CA THR B 52 11.21 -3.55 -20.38
C THR B 52 11.91 -2.81 -21.51
N ARG B 53 12.73 -1.81 -21.17
CA ARG B 53 13.53 -1.14 -22.19
C ARG B 53 14.43 -2.13 -22.93
N ARG B 54 15.05 -3.06 -22.19
CA ARG B 54 15.94 -4.02 -22.85
C ARG B 54 15.18 -4.94 -23.79
N LEU B 55 14.00 -5.43 -23.36
CA LEU B 55 13.22 -6.31 -24.23
C LEU B 55 12.77 -5.58 -25.50
N LEU B 56 12.29 -4.34 -25.35
CA LEU B 56 11.86 -3.54 -26.50
C LEU B 56 13.01 -3.27 -27.44
N ASP B 57 14.21 -3.00 -26.91
CA ASP B 57 15.35 -2.77 -27.77
C ASP B 57 15.80 -4.05 -28.46
N LYS B 58 15.74 -5.17 -27.75
CA LYS B 58 16.23 -6.42 -28.32
C LYS B 58 15.35 -6.93 -29.46
N MET B 59 14.04 -6.69 -29.40
CA MET B 59 13.17 -7.38 -30.35
C MET B 59 13.49 -7.02 -31.79
N PRO B 60 13.58 -5.75 -32.18
CA PRO B 60 13.93 -5.46 -33.58
C PRO B 60 15.35 -5.87 -33.91
N GLU B 61 16.27 -5.73 -32.97
CA GLU B 61 17.65 -6.16 -33.21
C GLU B 61 17.71 -7.65 -33.48
N TYR B 62 16.97 -8.43 -32.70
CA TYR B 62 16.98 -9.88 -32.86
C TYR B 62 16.33 -10.31 -34.15
N LEU B 63 15.29 -9.61 -34.60
CA LEU B 63 14.70 -9.93 -35.90
C LEU B 63 15.73 -9.75 -37.00
N GLU B 64 16.47 -8.64 -36.94
CA GLU B 64 17.56 -8.42 -37.90
C GLU B 64 18.58 -9.54 -37.84
N LYS B 65 18.93 -9.99 -36.64
CA LYS B 65 19.93 -11.04 -36.51
C LYS B 65 19.45 -12.36 -37.08
N ILE B 66 18.15 -12.69 -36.92
CA ILE B 66 17.62 -13.88 -37.56
C ILE B 66 17.82 -13.78 -39.07
N GLN B 67 17.55 -12.61 -39.63
CA GLN B 67 17.72 -12.41 -41.08
C GLN B 67 19.17 -12.49 -41.50
N GLN B 68 20.09 -12.13 -40.60
CA GLN B 68 21.50 -12.23 -40.92
C GLN B 68 22.05 -13.64 -40.72
N GLY B 69 21.21 -14.60 -40.34
CA GLY B 69 21.63 -15.98 -40.23
C GLY B 69 22.05 -16.46 -38.86
N TYR B 70 21.80 -15.70 -37.80
CA TYR B 70 22.13 -16.13 -36.46
C TYR B 70 21.38 -17.41 -36.07
N ASP B 71 21.93 -18.15 -35.11
CA ASP B 71 21.23 -19.30 -34.57
C ASP B 71 19.88 -18.85 -34.01
N ILE B 72 18.79 -19.34 -34.61
CA ILE B 72 17.46 -18.87 -34.24
C ILE B 72 17.04 -19.34 -32.85
N ASN B 73 17.45 -20.55 -32.44
CA ASN B 73 17.11 -21.01 -31.09
C ASN B 73 17.68 -20.10 -30.03
N SER B 74 18.90 -19.60 -30.22
CA SER B 74 19.51 -18.70 -29.25
C SER B 74 18.71 -17.41 -29.12
N ILE B 75 18.17 -16.92 -30.25
CA ILE B 75 17.33 -15.73 -30.23
C ILE B 75 16.04 -16.01 -29.48
N LYS B 76 15.35 -17.09 -29.85
CA LYS B 76 14.10 -17.45 -29.17
C LYS B 76 14.32 -17.63 -27.68
N GLN B 77 15.38 -18.34 -27.30
CA GLN B 77 15.65 -18.58 -25.89
C GLN B 77 15.92 -17.30 -25.14
N ASP B 78 16.72 -16.40 -25.71
CA ASP B 78 17.05 -15.19 -24.97
C ASP B 78 15.82 -14.30 -24.80
N VAL B 79 14.97 -14.20 -25.82
CA VAL B 79 13.73 -13.43 -25.68
C VAL B 79 12.88 -14.02 -24.58
N LEU B 80 12.74 -15.35 -24.55
CA LEU B 80 11.93 -16.00 -23.52
C LEU B 80 12.52 -15.79 -22.14
N ASN B 81 13.85 -15.80 -22.03
CA ASN B 81 14.52 -15.60 -20.74
C ASN B 81 14.35 -14.16 -20.25
N GLU B 82 14.41 -13.19 -21.16
CA GLU B 82 14.15 -11.81 -20.76
C GLU B 82 12.71 -11.68 -20.30
N TYR B 83 11.81 -12.37 -21.01
CA TYR B 83 10.39 -12.26 -20.73
C TYR B 83 10.05 -12.87 -19.38
N SER B 84 10.60 -14.04 -19.06
CA SER B 84 10.30 -14.62 -17.76
C SER B 84 10.90 -13.79 -16.63
N SER B 85 12.08 -13.19 -16.83
CA SER B 85 12.62 -12.33 -15.79
C SER B 85 11.69 -11.12 -15.57
N LEU B 86 11.15 -10.58 -16.65
CA LEU B 86 10.25 -9.44 -16.56
C LEU B 86 8.93 -9.80 -15.86
N LEU B 87 8.38 -10.98 -16.17
CA LEU B 87 7.13 -11.39 -15.53
C LEU B 87 7.28 -11.54 -14.03
N GLU B 88 8.48 -11.83 -13.53
CA GLU B 88 8.64 -12.12 -12.12
C GLU B 88 9.26 -10.97 -11.34
N VAL B 89 9.40 -9.80 -11.95
CA VAL B 89 10.24 -8.77 -11.35
C VAL B 89 9.66 -8.25 -10.02
N PHE B 90 8.35 -8.22 -9.85
CA PHE B 90 7.77 -7.78 -8.58
C PHE B 90 7.54 -8.93 -7.61
N GLY B 91 7.83 -10.17 -8.02
CA GLY B 91 7.66 -11.29 -7.10
C GLY B 91 6.24 -11.35 -6.59
N ASP B 92 6.11 -11.52 -5.27
CA ASP B 92 4.82 -11.65 -4.63
C ASP B 92 4.27 -10.32 -4.13
N PHE B 93 4.69 -9.21 -4.72
CA PHE B 93 4.23 -7.90 -4.27
C PHE B 93 2.71 -7.84 -4.14
N ASP B 94 1.99 -8.35 -5.13
CA ASP B 94 0.53 -8.19 -5.10
C ASP B 94 -0.05 -8.85 -3.85
N SER B 95 0.44 -10.04 -3.49
CA SER B 95 -0.02 -10.76 -2.30
C SER B 95 0.39 -10.05 -1.01
N LEU B 96 1.64 -9.58 -0.96
CA LEU B 96 2.14 -8.86 0.21
C LEU B 96 1.36 -7.56 0.45
N MET B 97 1.07 -6.82 -0.63
CA MET B 97 0.28 -5.60 -0.52
C MET B 97 -1.13 -5.91 -0.03
N LYS B 98 -1.77 -6.93 -0.61
CA LYS B 98 -3.12 -7.28 -0.19
C LYS B 98 -3.15 -7.66 1.30
N ALA B 99 -2.18 -8.46 1.74
CA ALA B 99 -2.14 -8.85 3.15
C ALA B 99 -1.96 -7.64 4.05
N ALA B 100 -1.14 -6.68 3.62
CA ALA B 100 -0.94 -5.48 4.44
C ALA B 100 -2.22 -4.67 4.55
N VAL B 101 -2.99 -4.58 3.44
CA VAL B 101 -4.28 -3.88 3.49
C VAL B 101 -5.23 -4.60 4.43
N THR B 102 -5.28 -5.93 4.35
CA THR B 102 -6.19 -6.70 5.21
C THR B 102 -5.88 -6.49 6.69
N LYS B 103 -4.61 -6.51 7.06
CA LYS B 103 -4.22 -6.28 8.45
C LYS B 103 -4.61 -4.87 8.91
N PHE B 104 -4.32 -3.87 8.08
CA PHE B 104 -4.69 -2.50 8.41
C PHE B 104 -6.21 -2.35 8.59
N LYS B 105 -6.99 -2.90 7.67
CA LYS B 105 -8.44 -2.83 7.81
C LYS B 105 -8.90 -3.46 9.12
N SER B 106 -8.27 -4.57 9.52
CA SER B 106 -8.66 -5.24 10.75
C SER B 106 -8.41 -4.35 11.97
N SER B 107 -7.23 -3.74 12.02
CA SER B 107 -6.89 -2.88 13.18
C SER B 107 -7.73 -1.62 13.18
N SER B 108 -7.99 -1.05 12.00
CA SER B 108 -8.84 0.14 11.90
C SER B 108 -10.25 -0.15 12.37
N GLN B 109 -10.81 -1.30 11.99
CA GLN B 109 -12.15 -1.61 12.46
C GLN B 109 -12.17 -1.79 13.97
N ASN B 110 -11.14 -2.42 14.51
CA ASN B 110 -11.06 -2.58 15.96
C ASN B 110 -10.99 -1.23 16.64
N LEU B 111 -10.25 -0.28 16.06
CA LEU B 111 -10.17 1.05 16.63
C LEU B 111 -11.54 1.73 16.64
N GLY B 112 -12.31 1.54 15.58
CA GLY B 112 -13.67 2.08 15.56
C GLY B 112 -14.52 1.54 16.70
N ARG B 113 -14.43 0.23 16.94
CA ARG B 113 -15.19 -0.36 18.04
C ARG B 113 -14.72 0.19 19.39
N ILE B 114 -13.41 0.25 19.59
CA ILE B 114 -12.89 0.75 20.85
C ILE B 114 -13.28 2.21 21.05
N SER B 115 -13.22 3.01 20.00
CA SER B 115 -13.53 4.43 20.12
C SER B 115 -14.99 4.64 20.51
N GLY B 116 -15.90 3.82 19.98
CA GLY B 116 -17.28 3.88 20.41
C GLY B 116 -17.44 3.54 21.88
N GLU B 117 -16.72 2.53 22.36
CA GLU B 117 -16.78 2.17 23.77
C GLU B 117 -16.15 3.26 24.64
N LEU B 118 -15.05 3.85 24.19
CA LEU B 118 -14.44 4.95 24.93
C LEU B 118 -15.39 6.13 25.07
N GLN B 119 -16.12 6.44 24.00
CA GLN B 119 -17.02 7.59 24.04
C GLN B 119 -18.08 7.40 25.11
N GLU B 120 -18.75 6.25 25.11
CA GLU B 120 -19.76 6.00 26.14
C GLU B 120 -19.13 5.83 27.51
N GLY B 121 -17.96 5.18 27.56
CA GLY B 121 -17.32 4.94 28.84
C GLY B 121 -16.92 6.23 29.55
N VAL B 122 -16.30 7.15 28.82
CA VAL B 122 -15.84 8.39 29.45
C VAL B 122 -17.02 9.28 29.80
N MET B 123 -18.11 9.21 29.04
CA MET B 123 -19.23 10.10 29.33
C MET B 123 -19.98 9.64 30.57
N LYS B 124 -20.03 8.34 30.79
CA LYS B 124 -20.77 7.77 31.91
C LYS B 124 -20.03 7.80 33.23
N ILE B 125 -18.71 8.05 33.23
CA ILE B 125 -18.04 8.19 34.53
C ILE B 125 -18.47 9.47 35.23
N ARG B 126 -18.91 10.48 34.47
CA ARG B 126 -19.32 11.76 35.05
C ARG B 126 -20.58 11.61 35.89
N MET B 127 -20.44 11.82 37.20
CA MET B 127 -21.58 11.80 38.11
C MET B 127 -21.70 13.15 38.79
N VAL B 128 -22.93 13.47 39.18
CA VAL B 128 -23.19 14.61 40.08
C VAL B 128 -23.22 14.06 41.49
N PRO B 129 -23.06 14.90 42.54
CA PRO B 129 -22.87 16.36 42.53
C PRO B 129 -21.48 16.80 42.12
#